data_5LPB
#
_entry.id   5LPB
#
_cell.length_a   116.141
_cell.length_b   116.141
_cell.length_c   49.743
_cell.angle_alpha   90.00
_cell.angle_beta   90.00
_cell.angle_gamma   120.00
#
_symmetry.space_group_name_H-M   'P 62'
#
loop_
_entity.id
_entity.type
_entity.pdbx_description
1 polymer 'Protein BRASSINOSTEROID INSENSITIVE 1'
2 non-polymer "ADENOSINE-5'-DIPHOSPHATE"
3 water water
#
_entity_poly.entity_id   1
_entity_poly.type   'polypeptide(L)'
_entity_poly.pdbx_seq_one_letter_code
;EKPLRKLAFADLLQATNGFHNDSLIGSGGFGDVYKAILKDGSAVAIKKLIHVSGQGDREFMAEMETIGKIKHRNLVPLLG
YCKVGDERLLVYEFMKYGSLEDVLHDPKKAGVKLNWSTRRKIAIGSARGLAFLHHNCSPHIIHRDMKSSNVLLDENLEAR
VSDFGMARLMSAMD(TPO)HL(SEP)V(SEP)TLAGTPGYVPPEYYQ(SEP)FRCSTKGDVYSYGVVLLELLTGKRPTDS
PDFGDNNLVGWVKQHAKLRISDVFDPELMKEDPALEIELLQHLKVAVACLDDRAWRRPTMVQVMAMFKEIQA
;
_entity_poly.pdbx_strand_id   A
#
loop_
_chem_comp.id
_chem_comp.type
_chem_comp.name
_chem_comp.formula
ADP non-polymer ADENOSINE-5'-DIPHOSPHATE 'C10 H15 N5 O10 P2'
#
# COMPACT_ATOMS: atom_id res chain seq x y z
N PRO A 3 -4.91 15.10 -16.32
CA PRO A 3 -6.31 15.26 -15.92
C PRO A 3 -6.99 13.93 -15.67
N LEU A 4 -7.93 13.90 -14.74
CA LEU A 4 -8.73 12.70 -14.51
C LEU A 4 -9.80 12.60 -15.59
N ARG A 5 -9.86 11.46 -16.26
CA ARG A 5 -10.76 11.30 -17.40
C ARG A 5 -12.03 10.51 -17.05
N LYS A 6 -13.17 10.95 -17.58
CA LYS A 6 -14.37 10.15 -17.47
C LYS A 6 -14.45 9.24 -18.69
N LEU A 7 -14.34 7.94 -18.46
CA LEU A 7 -14.27 6.99 -19.56
C LEU A 7 -15.63 6.37 -19.84
N ALA A 8 -15.97 6.28 -21.12
CA ALA A 8 -17.21 5.67 -21.53
C ALA A 8 -17.19 4.20 -21.14
N PHE A 9 -18.33 3.71 -20.67
CA PHE A 9 -18.45 2.32 -20.25
C PHE A 9 -18.19 1.34 -21.39
N ALA A 10 -18.65 1.67 -22.59
CA ALA A 10 -18.45 0.80 -23.75
C ALA A 10 -16.96 0.56 -24.00
N ASP A 11 -16.16 1.60 -23.83
CA ASP A 11 -14.70 1.48 -23.97
C ASP A 11 -14.11 0.44 -23.03
N LEU A 12 -14.45 0.52 -21.75
CA LEU A 12 -13.95 -0.43 -20.76
C LEU A 12 -14.45 -1.83 -21.06
N LEU A 13 -15.69 -1.91 -21.56
CA LEU A 13 -16.28 -3.19 -21.93
C LEU A 13 -15.50 -3.87 -23.07
N GLN A 14 -15.18 -3.13 -24.13
CA GLN A 14 -14.53 -3.79 -25.26
C GLN A 14 -13.04 -3.99 -24.98
N ALA A 15 -12.45 -3.10 -24.18
CA ALA A 15 -11.03 -3.22 -23.89
C ALA A 15 -10.72 -4.45 -23.04
N THR A 16 -11.72 -4.90 -22.27
CA THR A 16 -11.59 -6.11 -21.47
C THR A 16 -12.24 -7.31 -22.12
N ASN A 17 -12.66 -7.14 -23.38
CA ASN A 17 -13.39 -8.17 -24.12
C ASN A 17 -14.66 -8.60 -23.38
N GLY A 18 -15.43 -7.62 -22.95
CA GLY A 18 -16.67 -7.88 -22.23
C GLY A 18 -16.42 -8.40 -20.82
N PHE A 19 -15.39 -7.88 -20.16
CA PHE A 19 -14.95 -8.35 -18.85
C PHE A 19 -14.78 -9.86 -18.88
N HIS A 20 -13.99 -10.31 -19.84
CA HIS A 20 -13.70 -11.72 -20.00
C HIS A 20 -12.71 -12.19 -18.95
N ASN A 21 -12.82 -13.46 -18.57
CA ASN A 21 -11.94 -14.09 -17.61
C ASN A 21 -10.46 -13.96 -17.98
N ASP A 22 -10.18 -13.89 -19.28
CA ASP A 22 -8.82 -13.83 -19.78
C ASP A 22 -8.08 -12.55 -19.38
N SER A 23 -8.82 -11.47 -19.16
CA SER A 23 -8.19 -10.19 -18.80
C SER A 23 -8.23 -9.95 -17.29
N LEU A 24 -8.83 -10.89 -16.57
CA LEU A 24 -8.94 -10.81 -15.11
C LEU A 24 -7.60 -11.05 -14.42
N ILE A 25 -7.12 -10.06 -13.66
CA ILE A 25 -5.84 -10.21 -12.97
C ILE A 25 -5.98 -10.15 -11.45
N GLY A 26 -7.20 -10.35 -10.97
CA GLY A 26 -7.47 -10.33 -9.54
C GLY A 26 -8.93 -10.08 -9.23
N SER A 27 -9.43 -10.71 -8.17
CA SER A 27 -10.81 -10.51 -7.77
C SER A 27 -11.01 -10.88 -6.30
N GLY A 28 -11.96 -10.23 -5.65
CA GLY A 28 -12.29 -10.53 -4.27
C GLY A 28 -12.51 -9.31 -3.40
N GLY A 29 -13.49 -9.40 -2.50
CA GLY A 29 -13.79 -8.31 -1.58
C GLY A 29 -14.38 -7.10 -2.27
N PHE A 30 -13.51 -6.29 -2.85
CA PHE A 30 -13.92 -5.05 -3.51
C PHE A 30 -14.60 -5.29 -4.87
N GLY A 31 -14.21 -6.36 -5.53
CA GLY A 31 -14.67 -6.64 -6.89
C GLY A 31 -13.57 -7.26 -7.75
N ASP A 32 -13.45 -6.81 -8.99
CA ASP A 32 -12.44 -7.37 -9.91
C ASP A 32 -11.42 -6.33 -10.37
N VAL A 33 -10.28 -6.82 -10.83
CA VAL A 33 -9.29 -5.98 -11.49
C VAL A 33 -8.92 -6.62 -12.81
N TYR A 34 -9.01 -5.83 -13.89
CA TYR A 34 -8.71 -6.31 -15.24
C TYR A 34 -7.53 -5.56 -15.84
N LYS A 35 -6.72 -6.29 -16.60
CA LYS A 35 -5.65 -5.70 -17.39
C LYS A 35 -6.21 -5.39 -18.78
N ALA A 36 -5.86 -4.23 -19.34
CA ALA A 36 -6.37 -3.87 -20.65
C ALA A 36 -5.50 -2.85 -21.37
N ILE A 37 -5.75 -2.73 -22.66
CA ILE A 37 -5.20 -1.67 -23.50
C ILE A 37 -6.38 -0.85 -24.01
N LEU A 38 -6.44 0.42 -23.65
CA LEU A 38 -7.55 1.27 -24.06
C LEU A 38 -7.46 1.59 -25.55
N LYS A 39 -8.56 2.08 -26.12
CA LYS A 39 -8.63 2.29 -27.56
C LYS A 39 -7.56 3.24 -28.10
N ASP A 40 -6.94 4.01 -27.19
CA ASP A 40 -5.85 4.92 -27.54
C ASP A 40 -4.46 4.32 -27.27
N GLY A 41 -4.41 3.06 -26.85
CA GLY A 41 -3.14 2.39 -26.64
C GLY A 41 -2.60 2.42 -25.22
N SER A 42 -3.30 3.11 -24.32
CA SER A 42 -2.90 3.17 -22.92
C SER A 42 -3.01 1.81 -22.23
N ALA A 43 -1.93 1.38 -21.57
CA ALA A 43 -1.95 0.16 -20.79
C ALA A 43 -2.51 0.46 -19.41
N VAL A 44 -3.58 -0.22 -19.03
CA VAL A 44 -4.28 0.13 -17.80
C VAL A 44 -4.68 -1.06 -16.96
N ALA A 45 -4.92 -0.81 -15.69
CA ALA A 45 -5.63 -1.74 -14.83
C ALA A 45 -7.02 -1.16 -14.61
N ILE A 46 -8.04 -1.99 -14.74
CA ILE A 46 -9.41 -1.53 -14.57
C ILE A 46 -10.04 -2.26 -13.41
N LYS A 47 -10.40 -1.52 -12.37
CA LYS A 47 -11.05 -2.10 -11.21
C LYS A 47 -12.55 -2.01 -11.36
N LYS A 48 -13.22 -3.15 -11.29
CA LYS A 48 -14.67 -3.18 -11.29
C LYS A 48 -15.17 -3.45 -9.88
N LEU A 49 -15.79 -2.45 -9.27
CA LEU A 49 -16.25 -2.58 -7.89
C LEU A 49 -17.61 -3.27 -7.83
N ILE A 50 -17.75 -4.18 -6.87
CA ILE A 50 -19.02 -4.83 -6.59
C ILE A 50 -19.64 -4.23 -5.34
N HIS A 51 -20.82 -4.74 -4.96
CA HIS A 51 -21.54 -4.23 -3.78
C HIS A 51 -21.84 -2.74 -3.90
N VAL A 52 -22.21 -2.29 -5.09
CA VAL A 52 -22.42 -0.86 -5.35
C VAL A 52 -23.46 -0.26 -4.39
N SER A 53 -24.44 -1.06 -3.99
CA SER A 53 -25.42 -0.64 -3.00
C SER A 53 -24.88 -0.85 -1.59
N GLY A 54 -23.85 -0.07 -1.24
CA GLY A 54 -23.19 -0.20 0.04
C GLY A 54 -21.71 0.10 -0.06
N GLN A 55 -20.89 -0.92 0.24
CA GLN A 55 -19.43 -0.78 0.26
C GLN A 55 -18.87 -0.31 -1.09
N GLY A 56 -19.50 -0.73 -2.18
CA GLY A 56 -19.04 -0.41 -3.52
C GLY A 56 -18.94 1.08 -3.79
N ASP A 57 -20.04 1.79 -3.56
CA ASP A 57 -20.08 3.22 -3.83
C ASP A 57 -19.17 4.02 -2.90
N ARG A 58 -19.12 3.61 -1.63
CA ARG A 58 -18.30 4.30 -0.64
C ARG A 58 -16.83 4.23 -0.99
N GLU A 59 -16.38 3.06 -1.43
CA GLU A 59 -14.99 2.87 -1.82
C GLU A 59 -14.67 3.64 -3.09
N PHE A 60 -15.65 3.71 -3.98
CA PHE A 60 -15.50 4.49 -5.20
C PHE A 60 -15.28 5.96 -4.86
N MET A 61 -16.15 6.49 -3.98
CA MET A 61 -16.06 7.87 -3.56
C MET A 61 -14.77 8.16 -2.78
N ALA A 62 -14.33 7.21 -1.95
CA ALA A 62 -13.10 7.40 -1.18
C ALA A 62 -11.91 7.61 -2.10
N GLU A 63 -11.83 6.82 -3.17
CA GLU A 63 -10.72 6.94 -4.10
C GLU A 63 -10.81 8.21 -4.94
N MET A 64 -12.02 8.56 -5.35
CA MET A 64 -12.23 9.76 -6.15
C MET A 64 -11.86 11.00 -5.35
N GLU A 65 -12.18 10.98 -4.05
CA GLU A 65 -11.90 12.12 -3.16
C GLU A 65 -10.44 12.20 -2.70
N THR A 66 -9.66 11.14 -2.90
CA THR A 66 -8.27 11.15 -2.44
C THR A 66 -7.28 10.99 -3.59
N ILE A 67 -6.98 9.75 -3.97
CA ILE A 67 -6.03 9.49 -5.04
C ILE A 67 -6.50 10.10 -6.37
N GLY A 68 -7.81 10.28 -6.52
CA GLY A 68 -8.35 10.90 -7.72
C GLY A 68 -8.07 12.39 -7.80
N LYS A 69 -7.62 12.98 -6.69
CA LYS A 69 -7.39 14.41 -6.60
C LYS A 69 -5.91 14.79 -6.46
N ILE A 70 -5.03 13.80 -6.41
CA ILE A 70 -3.61 14.06 -6.21
C ILE A 70 -2.75 13.22 -7.13
N LYS A 71 -1.53 13.70 -7.39
CA LYS A 71 -0.56 12.97 -8.18
C LYS A 71 0.80 13.02 -7.49
N HIS A 72 1.49 11.89 -7.45
CA HIS A 72 2.79 11.78 -6.82
C HIS A 72 3.52 10.56 -7.36
N ARG A 73 4.83 10.66 -7.46
CA ARG A 73 5.63 9.60 -8.10
C ARG A 73 5.53 8.26 -7.38
N ASN A 74 5.17 8.27 -6.09
CA ASN A 74 5.05 7.02 -5.34
C ASN A 74 3.61 6.64 -5.00
N LEU A 75 2.65 7.17 -5.75
CA LEU A 75 1.25 6.76 -5.62
C LEU A 75 0.76 6.26 -6.98
N VAL A 76 -0.04 5.19 -6.98
CA VAL A 76 -0.57 4.70 -8.26
C VAL A 76 -1.39 5.82 -8.90
N PRO A 77 -1.17 6.07 -10.19
CA PRO A 77 -1.98 7.09 -10.87
C PRO A 77 -3.37 6.55 -11.19
N LEU A 78 -4.40 7.25 -10.70
CA LEU A 78 -5.75 7.00 -11.15
C LEU A 78 -5.98 7.82 -12.40
N LEU A 79 -6.07 7.15 -13.55
CA LEU A 79 -6.18 7.83 -14.83
C LEU A 79 -7.61 8.17 -15.19
N GLY A 80 -8.54 7.32 -14.78
CA GLY A 80 -9.93 7.53 -15.16
C GLY A 80 -10.95 6.82 -14.29
N TYR A 81 -12.22 7.05 -14.61
CA TYR A 81 -13.31 6.45 -13.85
C TYR A 81 -14.53 6.28 -14.74
N CYS A 82 -15.43 5.39 -14.33
CA CYS A 82 -16.70 5.25 -15.01
C CYS A 82 -17.78 4.95 -13.99
N LYS A 83 -18.74 5.86 -13.89
CA LYS A 83 -19.87 5.67 -12.99
C LYS A 83 -21.17 5.78 -13.76
N VAL A 84 -21.60 4.66 -14.32
CA VAL A 84 -22.87 4.63 -15.05
C VAL A 84 -23.83 3.69 -14.36
N GLY A 85 -25.06 4.16 -14.13
CA GLY A 85 -26.07 3.41 -13.40
C GLY A 85 -25.53 2.95 -12.06
N ASP A 86 -25.40 1.63 -11.91
CA ASP A 86 -24.87 1.07 -10.68
C ASP A 86 -23.52 0.38 -10.92
N GLU A 87 -22.86 0.75 -12.02
CA GLU A 87 -21.52 0.27 -12.30
C GLU A 87 -20.48 1.24 -11.73
N ARG A 88 -19.45 0.69 -11.09
CA ARG A 88 -18.38 1.52 -10.54
C ARG A 88 -17.03 0.99 -10.99
N LEU A 89 -16.38 1.74 -11.88
CA LEU A 89 -15.08 1.33 -12.39
C LEU A 89 -14.03 2.43 -12.21
N LEU A 90 -12.82 2.00 -11.88
CA LEU A 90 -11.68 2.91 -11.68
C LEU A 90 -10.54 2.43 -12.54
N VAL A 91 -9.86 3.36 -13.20
CA VAL A 91 -8.85 2.98 -14.18
C VAL A 91 -7.50 3.58 -13.84
N TYR A 92 -6.50 2.70 -13.72
CA TYR A 92 -5.17 3.08 -13.26
C TYR A 92 -4.15 2.79 -14.33
N GLU A 93 -3.04 3.52 -14.29
CA GLU A 93 -1.89 3.15 -15.10
C GLU A 93 -1.47 1.75 -14.68
N PHE A 94 -1.19 0.90 -15.67
CA PHE A 94 -0.80 -0.47 -15.38
C PHE A 94 0.62 -0.52 -14.80
N MET A 95 0.77 -1.21 -13.68
CA MET A 95 2.04 -1.36 -13.02
C MET A 95 2.66 -2.71 -13.39
N LYS A 96 3.78 -2.64 -14.11
CA LYS A 96 4.35 -3.81 -14.80
C LYS A 96 4.51 -5.06 -13.94
N TYR A 97 5.02 -4.89 -12.72
CA TYR A 97 5.38 -6.06 -11.91
C TYR A 97 4.36 -6.38 -10.82
N GLY A 98 3.17 -5.82 -10.92
CA GLY A 98 2.10 -6.13 -9.99
C GLY A 98 2.41 -5.72 -8.56
N SER A 99 1.89 -6.48 -7.60
CA SER A 99 2.02 -6.12 -6.19
C SER A 99 3.29 -6.68 -5.58
N LEU A 100 3.75 -6.02 -4.52
CA LEU A 100 4.90 -6.48 -3.76
C LEU A 100 4.62 -7.85 -3.14
N GLU A 101 3.37 -8.10 -2.79
CA GLU A 101 2.99 -9.39 -2.21
C GLU A 101 3.11 -10.51 -3.25
N ASP A 102 2.77 -10.21 -4.49
CA ASP A 102 2.91 -11.18 -5.57
C ASP A 102 4.36 -11.58 -5.74
N VAL A 103 5.23 -10.58 -5.79
CA VAL A 103 6.66 -10.80 -5.99
C VAL A 103 7.29 -11.53 -4.81
N LEU A 104 6.89 -11.18 -3.60
CA LEU A 104 7.49 -11.74 -2.39
C LEU A 104 6.95 -13.11 -2.00
N HIS A 105 5.68 -13.37 -2.31
CA HIS A 105 5.01 -14.57 -1.80
C HIS A 105 4.38 -15.43 -2.90
N ASP A 106 4.91 -15.34 -4.11
CA ASP A 106 4.43 -16.17 -5.22
C ASP A 106 5.47 -16.23 -6.33
N PRO A 107 5.20 -17.06 -7.36
CA PRO A 107 6.01 -17.31 -8.55
C PRO A 107 7.48 -17.57 -8.22
N GLY A 111 9.79 -16.18 -10.01
CA GLY A 111 9.26 -14.90 -10.43
C GLY A 111 10.36 -13.87 -10.67
N VAL A 112 10.29 -12.76 -9.95
CA VAL A 112 11.27 -11.69 -10.07
C VAL A 112 11.98 -11.46 -8.73
N LYS A 113 13.31 -11.49 -8.76
CA LYS A 113 14.10 -11.36 -7.55
C LYS A 113 14.32 -9.90 -7.16
N LEU A 114 14.00 -9.58 -5.90
CA LEU A 114 14.29 -8.25 -5.36
C LEU A 114 15.48 -8.33 -4.39
N ASN A 115 16.66 -7.89 -4.84
CA ASN A 115 17.80 -7.82 -3.94
C ASN A 115 17.60 -6.68 -2.95
N TRP A 116 18.53 -6.52 -2.00
CA TRP A 116 18.32 -5.54 -0.94
C TRP A 116 18.26 -4.11 -1.46
N SER A 117 19.10 -3.79 -2.45
CA SER A 117 19.10 -2.46 -3.05
C SER A 117 17.72 -2.08 -3.54
N THR A 118 17.07 -2.99 -4.24
CA THR A 118 15.72 -2.76 -4.75
C THR A 118 14.70 -2.65 -3.62
N ARG A 119 14.77 -3.58 -2.67
CA ARG A 119 13.85 -3.57 -1.53
C ARG A 119 13.97 -2.27 -0.74
N ARG A 120 15.19 -1.77 -0.61
CA ARG A 120 15.44 -0.51 0.09
C ARG A 120 14.75 0.65 -0.63
N LYS A 121 14.84 0.64 -1.95
CA LYS A 121 14.23 1.68 -2.77
C LYS A 121 12.70 1.60 -2.65
N ILE A 122 12.19 0.38 -2.55
CA ILE A 122 10.75 0.17 -2.39
C ILE A 122 10.30 0.70 -1.04
N ALA A 123 11.12 0.46 -0.01
CA ALA A 123 10.82 0.94 1.34
C ALA A 123 10.80 2.46 1.40
N ILE A 124 11.78 3.08 0.74
CA ILE A 124 11.88 4.53 0.70
C ILE A 124 10.73 5.13 -0.10
N GLY A 125 10.49 4.57 -1.29
CA GLY A 125 9.44 5.07 -2.15
C GLY A 125 8.07 5.00 -1.50
N SER A 126 7.74 3.85 -0.93
CA SER A 126 6.44 3.69 -0.29
C SER A 126 6.32 4.63 0.92
N ALA A 127 7.41 4.83 1.63
CA ALA A 127 7.43 5.76 2.77
C ALA A 127 7.17 7.19 2.32
N ARG A 128 7.77 7.57 1.19
CA ARG A 128 7.59 8.91 0.63
C ARG A 128 6.15 9.16 0.20
N GLY A 129 5.53 8.16 -0.43
CA GLY A 129 4.15 8.27 -0.84
C GLY A 129 3.23 8.53 0.34
N LEU A 130 3.44 7.76 1.41
CA LEU A 130 2.68 7.90 2.63
C LEU A 130 2.94 9.23 3.32
N ALA A 131 4.20 9.64 3.38
CA ALA A 131 4.56 10.93 3.95
C ALA A 131 3.84 12.07 3.23
N PHE A 132 3.72 11.94 1.91
CA PHE A 132 3.02 12.93 1.11
C PHE A 132 1.54 13.02 1.53
N LEU A 133 0.92 11.86 1.73
CA LEU A 133 -0.47 11.82 2.21
C LEU A 133 -0.63 12.48 3.57
N HIS A 134 0.32 12.25 4.47
CA HIS A 134 0.20 12.71 5.86
C HIS A 134 0.62 14.16 6.08
N HIS A 135 1.55 14.66 5.28
CA HIS A 135 2.14 15.94 5.59
C HIS A 135 1.96 16.98 4.49
N ASN A 136 2.10 16.57 3.24
CA ASN A 136 1.98 17.52 2.14
C ASN A 136 0.54 17.79 1.74
N CYS A 137 -0.36 16.84 2.01
CA CYS A 137 -1.77 17.02 1.69
C CYS A 137 -2.54 17.66 2.84
N SER A 138 -3.32 18.69 2.52
CA SER A 138 -4.22 19.30 3.49
C SER A 138 -5.61 19.46 2.86
N PRO A 139 -6.61 18.73 3.38
CA PRO A 139 -6.57 17.83 4.54
C PRO A 139 -5.67 16.61 4.35
N HIS A 140 -5.12 16.10 5.45
CA HIS A 140 -4.29 14.90 5.40
C HIS A 140 -5.11 13.72 4.93
N ILE A 141 -4.44 12.75 4.32
CA ILE A 141 -5.09 11.54 3.91
C ILE A 141 -4.59 10.38 4.76
N ILE A 142 -5.54 9.67 5.37
CA ILE A 142 -5.26 8.44 6.09
C ILE A 142 -5.63 7.28 5.20
N HIS A 143 -4.66 6.46 4.82
CA HIS A 143 -4.88 5.39 3.84
C HIS A 143 -5.77 4.28 4.41
N ARG A 144 -5.42 3.85 5.64
CA ARG A 144 -6.16 2.84 6.42
C ARG A 144 -6.04 1.40 5.92
N ASP A 145 -5.34 1.14 4.82
CA ASP A 145 -5.19 -0.25 4.41
C ASP A 145 -3.84 -0.48 3.74
N MET A 146 -2.81 0.10 4.33
CA MET A 146 -1.45 -0.14 3.87
C MET A 146 -1.09 -1.60 4.12
N LYS A 147 -0.52 -2.23 3.09
CA LYS A 147 -0.12 -3.63 3.12
C LYS A 147 0.63 -3.93 1.84
N SER A 148 1.23 -5.12 1.77
CA SER A 148 2.14 -5.42 0.67
C SER A 148 1.40 -5.59 -0.65
N SER A 149 0.14 -6.02 -0.60
CA SER A 149 -0.65 -6.17 -1.82
C SER A 149 -1.08 -4.79 -2.35
N ASN A 150 -0.91 -3.76 -1.54
CA ASN A 150 -1.28 -2.41 -1.93
C ASN A 150 -0.05 -1.54 -2.20
N VAL A 151 1.10 -2.19 -2.34
CA VAL A 151 2.29 -1.52 -2.83
C VAL A 151 2.57 -2.09 -4.21
N LEU A 152 2.36 -1.29 -5.25
CA LEU A 152 2.56 -1.77 -6.61
C LEU A 152 3.96 -1.41 -7.10
N LEU A 153 4.45 -2.15 -8.09
CA LEU A 153 5.79 -1.97 -8.63
C LEU A 153 5.77 -1.72 -10.13
N ASP A 154 6.19 -0.54 -10.55
CA ASP A 154 6.19 -0.21 -11.98
C ASP A 154 7.39 -0.85 -12.69
N GLU A 155 7.61 -0.44 -13.93
CA GLU A 155 8.64 -1.03 -14.79
C GLU A 155 10.06 -0.85 -14.22
N ASN A 156 10.23 0.17 -13.38
CA ASN A 156 11.53 0.45 -12.77
C ASN A 156 11.64 -0.12 -11.35
N LEU A 157 10.66 -0.92 -10.97
CA LEU A 157 10.53 -1.45 -9.62
C LEU A 157 10.47 -0.34 -8.58
N GLU A 158 9.91 0.80 -9.00
CA GLU A 158 9.59 1.88 -8.07
C GLU A 158 8.26 1.56 -7.39
N ALA A 159 8.19 1.82 -6.08
CA ALA A 159 6.99 1.54 -5.31
C ALA A 159 5.90 2.58 -5.53
N ARG A 160 4.66 2.13 -5.74
CA ARG A 160 3.55 3.05 -5.89
C ARG A 160 2.37 2.57 -5.07
N VAL A 161 1.97 3.38 -4.10
CA VAL A 161 0.93 3.00 -3.14
C VAL A 161 -0.44 3.07 -3.81
N SER A 162 -1.26 2.05 -3.55
CA SER A 162 -2.57 1.93 -4.20
C SER A 162 -3.66 1.55 -3.20
N ASP A 163 -4.87 1.45 -3.72
CA ASP A 163 -6.10 1.06 -2.99
C ASP A 163 -6.45 2.06 -1.89
N PHE A 164 -7.11 3.13 -2.31
CA PHE A 164 -7.58 4.17 -1.40
C PHE A 164 -9.07 3.98 -1.11
N GLY A 165 -9.57 2.77 -1.32
CA GLY A 165 -10.99 2.49 -1.14
C GLY A 165 -11.49 2.72 0.28
N MET A 166 -10.59 2.68 1.25
CA MET A 166 -10.98 2.93 2.63
CA MET A 166 -10.91 2.88 2.66
C MET A 166 -10.33 4.19 3.19
N ALA A 167 -9.68 4.95 2.31
CA ALA A 167 -8.98 6.16 2.75
C ALA A 167 -9.96 7.21 3.24
N ARG A 168 -9.51 8.04 4.17
CA ARG A 168 -10.33 9.13 4.70
C ARG A 168 -9.57 10.44 4.79
N LEU A 169 -10.31 11.55 4.73
CA LEU A 169 -9.74 12.88 4.90
C LEU A 169 -9.77 13.29 6.37
N MET A 170 -8.66 13.81 6.86
CA MET A 170 -8.61 14.36 8.21
C MET A 170 -8.04 15.77 8.21
N SER A 171 -8.74 16.68 8.88
CA SER A 171 -8.27 18.05 9.06
C SER A 171 -6.88 18.09 9.67
N ALA A 172 -6.07 19.03 9.22
CA ALA A 172 -4.70 19.19 9.72
C ALA A 172 -4.69 19.67 11.18
N MET A 173 -5.83 20.17 11.65
CA MET A 173 -5.95 20.65 13.01
C MET A 173 -6.32 19.53 13.99
N ASP A 174 -6.41 18.31 13.47
CA ASP A 174 -6.78 17.16 14.30
C ASP A 174 -5.68 16.12 14.38
N TPO A 175 -5.71 15.32 15.45
CA TPO A 175 -4.73 14.28 15.67
CB TPO A 175 -4.26 14.28 17.11
CG2 TPO A 175 -3.47 15.57 17.37
OG1 TPO A 175 -5.41 14.26 17.95
P TPO A 175 -5.10 13.28 19.20
O1P TPO A 175 -5.37 13.98 20.46
O2P TPO A 175 -6.05 11.98 19.06
O3P TPO A 175 -3.56 12.82 19.17
C TPO A 175 -5.29 12.91 15.29
O TPO A 175 -4.54 11.95 15.08
N HIS A 176 -6.61 12.82 15.21
CA HIS A 176 -7.27 11.58 14.82
C HIS A 176 -8.60 11.85 14.12
N LEU A 177 -9.16 10.80 13.55
CA LEU A 177 -10.47 10.88 12.90
C LEU A 177 -11.38 9.77 13.42
N SEP A 178 -12.55 10.15 13.90
CA SEP A 178 -13.51 9.19 14.38
CB SEP A 178 -14.42 9.84 15.43
OG SEP A 178 -13.62 10.62 16.31
C SEP A 178 -14.33 8.65 13.21
O SEP A 178 -14.89 9.43 12.43
P SEP A 178 -14.39 10.92 17.69
O1P SEP A 178 -15.62 11.91 17.43
O2P SEP A 178 -13.34 11.61 18.71
O3P SEP A 178 -14.92 9.54 18.32
N VAL A 179 -14.36 7.33 13.07
CA VAL A 179 -15.04 6.72 11.93
C VAL A 179 -16.18 5.81 12.36
N SEP A 180 -16.85 5.22 11.37
CA SEP A 180 -18.04 4.41 11.62
CB SEP A 180 -19.05 4.62 10.49
OG SEP A 180 -18.56 4.12 9.26
C SEP A 180 -17.70 2.93 11.74
O SEP A 180 -18.39 2.18 12.41
P SEP A 180 -18.34 5.29 8.18
O1P SEP A 180 -19.77 5.88 7.73
O2P SEP A 180 -17.44 6.46 8.81
O3P SEP A 180 -17.60 4.68 6.88
N THR A 181 -16.63 2.52 11.08
CA THR A 181 -16.28 1.11 10.99
C THR A 181 -14.81 0.85 11.28
N LEU A 182 -14.49 -0.42 11.51
CA LEU A 182 -13.10 -0.87 11.59
C LEU A 182 -12.60 -1.26 10.21
N ALA A 183 -11.63 -0.52 9.69
CA ALA A 183 -11.05 -0.82 8.40
C ALA A 183 -9.64 -1.39 8.55
N GLY A 184 -9.27 -2.28 7.64
CA GLY A 184 -7.92 -2.83 7.61
C GLY A 184 -7.85 -4.28 7.17
N THR A 185 -6.68 -4.88 7.34
CA THR A 185 -6.44 -6.26 6.94
C THR A 185 -5.71 -7.00 8.05
N PRO A 186 -6.17 -8.22 8.39
CA PRO A 186 -5.51 -9.07 9.38
C PRO A 186 -4.00 -9.14 9.20
N GLY A 187 -3.25 -8.84 10.26
CA GLY A 187 -1.81 -8.79 10.19
C GLY A 187 -1.27 -7.38 10.11
N TYR A 188 -2.14 -6.42 9.79
CA TYR A 188 -1.72 -5.05 9.57
C TYR A 188 -2.43 -4.03 10.47
N VAL A 189 -3.48 -4.48 11.15
CA VAL A 189 -4.28 -3.56 11.95
C VAL A 189 -3.51 -3.04 13.16
N PRO A 190 -3.43 -1.70 13.30
CA PRO A 190 -2.87 -1.11 14.52
C PRO A 190 -3.68 -1.58 15.73
N PRO A 191 -2.99 -1.96 16.82
CA PRO A 191 -3.68 -2.51 17.99
C PRO A 191 -4.75 -1.57 18.53
N GLU A 192 -4.55 -0.26 18.43
CA GLU A 192 -5.53 0.66 18.98
C GLU A 192 -6.78 0.76 18.10
N TYR A 193 -6.69 0.29 16.85
CA TYR A 193 -7.87 0.28 15.98
C TYR A 193 -8.89 -0.74 16.46
N TYR A 194 -8.44 -1.76 17.20
CA TYR A 194 -9.35 -2.76 17.76
C TYR A 194 -10.10 -2.24 18.98
N GLN A 195 -9.62 -1.14 19.54
CA GLN A 195 -10.13 -0.67 20.83
C GLN A 195 -11.00 0.57 20.72
N SEP A 196 -10.94 1.22 19.56
CA SEP A 196 -11.67 2.47 19.36
CB SEP A 196 -10.87 3.65 19.92
OG SEP A 196 -9.48 3.39 19.86
C SEP A 196 -11.96 2.67 17.88
O SEP A 196 -11.16 2.28 17.02
P SEP A 196 -8.59 4.62 20.40
O1P SEP A 196 -9.46 5.55 21.39
O2P SEP A 196 -7.31 4.05 21.20
O3P SEP A 196 -8.08 5.51 19.15
N PHE A 197 -13.11 3.28 17.58
CA PHE A 197 -13.46 3.59 16.20
C PHE A 197 -12.78 4.87 15.77
N ARG A 198 -11.46 4.86 15.82
CA ARG A 198 -10.65 6.01 15.44
C ARG A 198 -9.49 5.57 14.57
N CYS A 199 -9.15 6.39 13.60
CA CYS A 199 -7.98 6.14 12.78
C CYS A 199 -7.10 7.38 12.80
N SER A 200 -5.85 7.23 12.39
CA SER A 200 -4.88 8.32 12.42
C SER A 200 -3.74 8.02 11.47
N THR A 201 -2.92 9.03 11.18
CA THR A 201 -1.74 8.82 10.34
C THR A 201 -0.78 7.85 11.04
N LYS A 202 -0.76 7.89 12.36
CA LYS A 202 0.11 6.98 13.13
C LYS A 202 -0.36 5.53 12.94
N GLY A 203 -1.65 5.36 12.66
CA GLY A 203 -2.15 4.06 12.26
C GLY A 203 -1.52 3.57 10.97
N ASP A 204 -1.49 4.42 9.94
CA ASP A 204 -0.79 4.09 8.70
C ASP A 204 0.68 3.75 8.96
N VAL A 205 1.31 4.46 9.90
CA VAL A 205 2.71 4.22 10.21
C VAL A 205 2.93 2.79 10.70
N TYR A 206 2.04 2.33 11.59
CA TYR A 206 2.11 0.96 12.07
C TYR A 206 2.03 -0.03 10.90
N SER A 207 1.04 0.17 10.04
CA SER A 207 0.81 -0.77 8.95
C SER A 207 2.00 -0.74 7.98
N TYR A 208 2.57 0.45 7.79
CA TYR A 208 3.79 0.56 6.99
C TYR A 208 4.91 -0.26 7.62
N GLY A 209 4.97 -0.25 8.94
CA GLY A 209 5.96 -1.03 9.67
C GLY A 209 5.91 -2.50 9.30
N VAL A 210 4.70 -3.04 9.20
CA VAL A 210 4.53 -4.45 8.84
C VAL A 210 5.10 -4.72 7.44
N VAL A 211 4.80 -3.83 6.49
CA VAL A 211 5.33 -3.95 5.13
C VAL A 211 6.86 -3.95 5.14
N LEU A 212 7.45 -3.03 5.89
CA LEU A 212 8.89 -2.97 6.03
C LEU A 212 9.45 -4.29 6.57
N LEU A 213 8.71 -4.92 7.48
CA LEU A 213 9.08 -6.24 8.00
C LEU A 213 9.05 -7.30 6.90
N GLU A 214 8.04 -7.21 6.03
CA GLU A 214 7.94 -8.16 4.92
C GLU A 214 9.14 -8.06 4.01
N LEU A 215 9.63 -6.84 3.80
CA LEU A 215 10.79 -6.62 2.95
C LEU A 215 12.07 -7.17 3.60
N LEU A 216 12.13 -7.11 4.92
CA LEU A 216 13.31 -7.56 5.66
C LEU A 216 13.33 -9.06 5.92
N THR A 217 12.14 -9.65 6.12
CA THR A 217 12.06 -11.06 6.49
C THR A 217 11.72 -11.95 5.30
N GLY A 218 10.92 -11.43 4.39
CA GLY A 218 10.46 -12.20 3.24
C GLY A 218 9.27 -13.06 3.59
N LYS A 219 8.75 -12.87 4.80
CA LYS A 219 7.63 -13.67 5.29
C LYS A 219 6.34 -12.87 5.33
N ARG A 220 5.22 -13.59 5.31
CA ARG A 220 3.90 -12.96 5.39
C ARG A 220 3.64 -12.53 6.83
N PRO A 221 2.87 -11.43 7.01
CA PRO A 221 2.54 -10.90 8.34
C PRO A 221 1.81 -11.91 9.21
N THR A 222 1.08 -12.82 8.57
CA THR A 222 0.26 -13.79 9.28
C THR A 222 1.04 -15.05 9.64
N ASP A 223 2.36 -15.00 9.43
CA ASP A 223 3.23 -16.13 9.75
C ASP A 223 3.76 -16.02 11.17
N ASN A 231 1.28 -13.37 15.22
CA ASN A 231 1.62 -12.73 13.96
C ASN A 231 3.13 -12.63 13.75
N LEU A 232 3.53 -12.17 12.57
CA LEU A 232 4.93 -11.94 12.27
C LEU A 232 5.50 -10.88 13.20
N VAL A 233 4.74 -9.81 13.38
CA VAL A 233 5.11 -8.71 14.27
C VAL A 233 5.52 -9.22 15.65
N GLY A 234 4.73 -10.10 16.23
CA GLY A 234 5.04 -10.69 17.52
C GLY A 234 6.25 -11.61 17.47
N TRP A 235 6.38 -12.34 16.36
CA TRP A 235 7.48 -13.29 16.19
C TRP A 235 8.82 -12.55 16.09
N VAL A 236 8.83 -11.44 15.37
CA VAL A 236 10.04 -10.65 15.22
C VAL A 236 10.40 -9.93 16.52
N LYS A 237 9.39 -9.41 17.21
CA LYS A 237 9.59 -8.67 18.44
C LYS A 237 10.23 -9.53 19.55
N GLN A 238 9.92 -10.82 19.54
CA GLN A 238 10.45 -11.73 20.55
C GLN A 238 11.87 -12.17 20.20
N HIS A 239 12.15 -12.31 18.91
CA HIS A 239 13.48 -12.70 18.45
C HIS A 239 14.44 -11.52 18.49
N ALA A 240 13.90 -10.32 18.70
CA ALA A 240 14.72 -9.11 18.82
C ALA A 240 15.55 -9.14 20.10
N LYS A 241 15.15 -10.01 21.03
CA LYS A 241 15.90 -10.22 22.26
C LYS A 241 16.66 -11.54 22.20
N LEU A 242 16.44 -12.30 21.13
CA LEU A 242 17.10 -13.58 20.94
C LEU A 242 18.22 -13.47 19.91
N ARG A 243 18.01 -14.04 18.74
CA ARG A 243 18.99 -13.98 17.65
C ARG A 243 18.44 -13.18 16.48
N ILE A 244 18.95 -11.96 16.31
CA ILE A 244 18.50 -11.05 15.26
C ILE A 244 18.85 -11.59 13.87
N SER A 245 19.96 -12.31 13.78
CA SER A 245 20.39 -12.89 12.51
C SER A 245 19.66 -14.20 12.23
N ASP A 246 18.36 -14.21 12.49
CA ASP A 246 17.51 -15.38 12.23
C ASP A 246 16.24 -14.93 11.52
N VAL A 247 15.87 -13.68 11.70
CA VAL A 247 14.61 -13.16 11.16
C VAL A 247 14.75 -12.61 9.75
N PHE A 248 15.96 -12.20 9.38
CA PHE A 248 16.18 -11.58 8.08
C PHE A 248 16.02 -12.59 6.94
N ASP A 249 15.55 -12.11 5.80
CA ASP A 249 15.44 -12.92 4.60
C ASP A 249 16.80 -13.48 4.23
N PRO A 250 16.93 -14.81 4.23
CA PRO A 250 18.19 -15.49 3.92
C PRO A 250 18.82 -15.02 2.61
N GLU A 251 17.99 -14.70 1.62
CA GLU A 251 18.49 -14.25 0.32
C GLU A 251 19.14 -12.88 0.41
N LEU A 252 18.82 -12.13 1.47
CA LEU A 252 19.44 -10.82 1.70
C LEU A 252 20.84 -10.96 2.28
N MET A 253 20.99 -11.86 3.25
CA MET A 253 22.28 -12.05 3.92
C MET A 253 23.27 -12.83 3.05
N LYS A 254 22.75 -13.62 2.12
CA LYS A 254 23.59 -14.38 1.21
C LYS A 254 24.28 -13.44 0.22
N GLU A 255 23.65 -12.31 -0.05
CA GLU A 255 24.19 -11.29 -0.94
C GLU A 255 25.52 -10.73 -0.41
N ASP A 256 25.43 -10.03 0.71
CA ASP A 256 26.62 -9.47 1.36
C ASP A 256 26.41 -9.42 2.86
N PRO A 257 27.26 -10.14 3.61
CA PRO A 257 27.23 -10.13 5.08
C PRO A 257 27.42 -8.74 5.66
N ALA A 258 28.08 -7.85 4.91
CA ALA A 258 28.29 -6.48 5.35
C ALA A 258 26.98 -5.70 5.44
N LEU A 259 25.93 -6.19 4.78
CA LEU A 259 24.64 -5.52 4.79
C LEU A 259 23.90 -5.70 6.12
N GLU A 260 24.43 -6.58 6.98
CA GLU A 260 23.79 -6.88 8.25
C GLU A 260 23.57 -5.62 9.09
N ILE A 261 24.59 -4.76 9.11
CA ILE A 261 24.51 -3.51 9.86
C ILE A 261 23.39 -2.63 9.33
N GLU A 262 23.26 -2.58 8.01
CA GLU A 262 22.23 -1.75 7.37
C GLU A 262 20.84 -2.34 7.56
N LEU A 263 20.75 -3.67 7.55
CA LEU A 263 19.49 -4.36 7.75
C LEU A 263 18.94 -4.13 9.16
N LEU A 264 19.82 -4.23 10.15
CA LEU A 264 19.42 -4.05 11.55
C LEU A 264 18.95 -2.64 11.83
N GLN A 265 19.53 -1.67 11.12
CA GLN A 265 19.11 -0.28 11.28
C GLN A 265 17.72 -0.07 10.71
N HIS A 266 17.46 -0.65 9.55
CA HIS A 266 16.13 -0.60 8.95
C HIS A 266 15.13 -1.37 9.82
N LEU A 267 15.62 -2.44 10.45
CA LEU A 267 14.79 -3.21 11.37
C LEU A 267 14.37 -2.34 12.55
N LYS A 268 15.30 -1.53 13.05
CA LYS A 268 15.00 -0.59 14.14
C LYS A 268 13.88 0.37 13.75
N VAL A 269 13.92 0.85 12.51
CA VAL A 269 12.85 1.72 12.03
C VAL A 269 11.51 0.99 12.07
N ALA A 270 11.50 -0.25 11.59
CA ALA A 270 10.28 -1.05 11.56
C ALA A 270 9.73 -1.27 12.97
N VAL A 271 10.62 -1.59 13.92
CA VAL A 271 10.21 -1.79 15.30
C VAL A 271 9.58 -0.53 15.87
N ALA A 272 10.19 0.61 15.60
CA ALA A 272 9.65 1.89 16.04
C ALA A 272 8.26 2.12 15.45
N CYS A 273 8.08 1.82 14.16
CA CYS A 273 6.78 1.96 13.52
C CYS A 273 5.72 1.06 14.15
N LEU A 274 6.17 -0.09 14.67
CA LEU A 274 5.27 -1.14 15.14
C LEU A 274 4.99 -1.07 16.63
N ASP A 275 5.29 0.07 17.24
CA ASP A 275 5.04 0.27 18.67
C ASP A 275 3.55 0.18 18.98
N ASP A 276 3.19 -0.44 20.09
CA ASP A 276 1.78 -0.54 20.49
C ASP A 276 1.17 0.84 20.75
N ARG A 277 2.01 1.79 21.15
CA ARG A 277 1.56 3.14 21.47
C ARG A 277 1.72 4.06 20.27
N ALA A 278 0.63 4.61 19.78
CA ALA A 278 0.64 5.50 18.62
C ALA A 278 1.54 6.70 18.85
N TRP A 279 1.56 7.20 20.09
CA TRP A 279 2.29 8.43 20.35
C TRP A 279 3.81 8.23 20.28
N ARG A 280 4.25 6.97 20.32
CA ARG A 280 5.68 6.66 20.32
C ARG A 280 6.20 6.36 18.91
N ARG A 281 5.28 6.09 17.98
CA ARG A 281 5.65 5.82 16.60
C ARG A 281 6.16 7.08 15.93
N PRO A 282 7.12 6.93 15.01
CA PRO A 282 7.57 8.09 14.25
C PRO A 282 6.52 8.51 13.23
N THR A 283 6.61 9.75 12.77
CA THR A 283 5.88 10.17 11.59
C THR A 283 6.61 9.65 10.34
N MET A 284 5.93 9.59 9.21
CA MET A 284 6.56 9.10 7.99
C MET A 284 7.68 10.03 7.55
N VAL A 285 7.62 11.29 7.98
CA VAL A 285 8.71 12.24 7.74
C VAL A 285 9.94 11.85 8.55
N GLN A 286 9.72 11.43 9.80
CA GLN A 286 10.82 10.96 10.62
C GLN A 286 11.42 9.69 10.02
N VAL A 287 10.55 8.84 9.49
CA VAL A 287 10.98 7.60 8.85
C VAL A 287 11.90 7.91 7.66
N MET A 288 11.49 8.85 6.81
CA MET A 288 12.30 9.28 5.67
C MET A 288 13.66 9.83 6.12
N ALA A 289 13.63 10.72 7.10
CA ALA A 289 14.86 11.29 7.63
C ALA A 289 15.77 10.20 8.19
N MET A 290 15.18 9.21 8.84
CA MET A 290 15.95 8.08 9.36
C MET A 290 16.59 7.30 8.23
N PHE A 291 15.83 7.00 7.18
CA PHE A 291 16.37 6.32 5.99
C PHE A 291 17.56 7.09 5.39
N LYS A 292 17.40 8.41 5.29
CA LYS A 292 18.46 9.28 4.78
C LYS A 292 19.70 9.22 5.66
N GLU A 293 19.51 9.23 6.98
CA GLU A 293 20.63 9.14 7.91
C GLU A 293 21.36 7.80 7.83
N ILE A 294 20.63 6.73 7.52
CA ILE A 294 21.25 5.41 7.41
C ILE A 294 22.14 5.33 6.17
N GLN A 295 21.66 5.89 5.06
CA GLN A 295 22.41 5.85 3.81
C GLN A 295 23.72 6.64 3.92
N ALA A 296 23.65 7.82 4.53
CA ALA A 296 24.82 8.66 4.71
C ALA A 296 25.81 8.04 5.69
PA ADP B . -6.74 -3.72 -5.70
O5' ADP B . -5.64 -4.66 -6.41
C5' ADP B . -5.76 -6.08 -6.39
C4' ADP B . -4.64 -6.73 -7.21
O4' ADP B . -4.77 -6.40 -8.59
C3' ADP B . -3.27 -6.24 -6.78
O3' ADP B . -2.65 -7.07 -5.79
C2' ADP B . -2.47 -6.20 -8.07
O2' ADP B . -1.69 -7.39 -8.22
C1' ADP B . -3.50 -6.11 -9.18
N9 ADP B . -3.47 -4.68 -9.59
C8 ADP B . -4.25 -3.70 -9.07
N7 ADP B . -3.97 -2.50 -9.62
C5 ADP B . -2.96 -2.70 -10.50
C6 ADP B . -2.19 -1.84 -11.42
N6 ADP B . -2.44 -0.51 -11.51
N1 ADP B . -1.24 -2.44 -12.18
C2 ADP B . -0.99 -3.76 -12.10
N3 ADP B . -1.66 -4.59 -11.28
C4 ADP B . -2.64 -4.13 -10.48
#